data_8FHB
#
_entry.id   8FHB
#
_cell.length_a   55.192
_cell.length_b   74.330
_cell.length_c   111.953
_cell.angle_alpha   90.000
_cell.angle_beta   90.000
_cell.angle_gamma   90.000
#
_symmetry.space_group_name_H-M   'C 2 2 21'
#
loop_
_entity.id
_entity.type
_entity.pdbx_description
1 polymer tRNA-(MS[2]IO[6]A)-hydroxylase
2 non-polymer 'FE (III) ION'
3 water water
#
_entity_poly.entity_id   1
_entity_poly.type   'polypeptide(L)'
_entity_poly.pdbx_seq_one_letter_code
;HHHHHHMTATPSKPVASIRWLAAPSSSLWLEQAINRPDEVLIDHAHCERKAAGAALQLMFRYPSSETLAEALSPLAQEEL
EHFDQVLALLQRRGIALRPLPAPAYGSRLAGEIRRQEPLRQLDSFLVAGLIEARSHERMALLAEHSPDPELRALYGDLLA
SEARHFGLYWLLCEQHWPREVIIPRLEQLAAVEVEALSGELARPEDVRMHSVGVQLPRKNLDPVAFTPT
;
_entity_poly.pdbx_strand_id   A
#
# COMPACT_ATOMS: atom_id res chain seq x y z
N LYS A 13 11.93 -5.82 8.18
CA LYS A 13 10.93 -6.43 9.10
C LYS A 13 11.36 -6.13 10.54
N PRO A 14 10.82 -5.09 11.17
CA PRO A 14 11.20 -4.76 12.56
C PRO A 14 10.58 -5.82 13.51
N VAL A 15 11.23 -6.13 14.65
CA VAL A 15 10.52 -6.94 15.63
C VAL A 15 9.46 -6.08 16.32
N ALA A 16 8.53 -6.81 16.94
CA ALA A 16 7.38 -6.27 17.65
C ALA A 16 6.50 -5.54 16.63
N SER A 17 6.53 -6.05 15.39
CA SER A 17 5.59 -5.61 14.39
C SER A 17 4.58 -6.73 14.10
N ILE A 18 3.45 -6.36 13.55
CA ILE A 18 2.42 -7.31 13.14
C ILE A 18 2.74 -7.70 11.72
N ARG A 19 2.51 -8.99 11.42
CA ARG A 19 2.58 -9.50 10.06
C ARG A 19 1.21 -9.33 9.43
N TRP A 20 1.18 -8.48 8.39
CA TRP A 20 0.00 -8.28 7.57
C TRP A 20 -0.11 -9.27 6.41
N LEU A 21 1.03 -9.58 5.75
CA LEU A 21 0.99 -10.20 4.46
C LEU A 21 1.21 -11.70 4.56
N ALA A 22 0.45 -12.48 3.82
CA ALA A 22 0.52 -13.92 3.97
C ALA A 22 1.65 -14.50 3.13
N ALA A 23 2.34 -13.69 2.30
CA ALA A 23 3.42 -14.19 1.46
C ALA A 23 4.25 -13.02 1.01
N PRO A 24 5.57 -13.22 0.89
CA PRO A 24 6.45 -12.15 0.41
C PRO A 24 6.37 -12.05 -1.11
N SER A 25 6.78 -10.90 -1.64
CA SER A 25 6.91 -10.70 -3.06
C SER A 25 7.93 -11.68 -3.66
N SER A 26 7.75 -12.01 -4.92
CA SER A 26 8.66 -12.88 -5.67
C SER A 26 9.89 -12.10 -6.10
N SER A 27 10.95 -12.89 -6.31
CA SER A 27 12.14 -12.41 -7.01
C SER A 27 11.81 -11.77 -8.34
N LEU A 28 10.86 -12.37 -9.07
CA LEU A 28 10.58 -11.88 -10.41
C LEU A 28 9.89 -10.51 -10.46
N TRP A 29 9.05 -10.21 -9.45
CA TRP A 29 8.48 -8.85 -9.30
C TRP A 29 9.62 -7.82 -9.26
N LEU A 30 10.54 -8.04 -8.35
CA LEU A 30 11.67 -7.14 -8.14
C LEU A 30 12.44 -6.96 -9.44
N GLU A 31 12.72 -8.10 -10.08
CA GLU A 31 13.39 -8.01 -11.36
C GLU A 31 12.62 -7.16 -12.36
N GLN A 32 11.31 -7.43 -12.51
CA GLN A 32 10.46 -6.63 -13.37
C GLN A 32 10.45 -5.15 -13.00
N ALA A 33 10.36 -4.84 -11.69
CA ALA A 33 10.32 -3.45 -11.31
C ALA A 33 11.64 -2.75 -11.67
N ILE A 34 12.79 -3.43 -11.46
CA ILE A 34 14.08 -2.83 -11.91
C ILE A 34 14.15 -2.66 -13.42
N ASN A 35 13.51 -3.58 -14.18
CA ASN A 35 13.57 -3.59 -15.62
C ASN A 35 12.80 -2.39 -16.16
N ARG A 36 11.63 -2.02 -15.53
CA ARG A 36 10.88 -0.86 -15.96
C ARG A 36 10.61 0.07 -14.80
N PRO A 37 11.65 0.84 -14.38
CA PRO A 37 11.53 1.71 -13.22
C PRO A 37 10.58 2.87 -13.45
N ASP A 38 10.42 3.31 -14.72
CA ASP A 38 9.58 4.46 -14.96
C ASP A 38 8.10 4.14 -14.63
N GLU A 39 7.64 2.99 -15.08
CA GLU A 39 6.27 2.60 -14.91
C GLU A 39 6.00 2.47 -13.41
N VAL A 40 6.96 1.88 -12.69
CA VAL A 40 6.73 1.60 -11.29
C VAL A 40 6.65 2.91 -10.52
N LEU A 41 7.53 3.84 -10.86
CA LEU A 41 7.56 5.17 -10.25
C LEU A 41 6.29 5.99 -10.54
N ILE A 42 5.80 5.99 -11.79
CA ILE A 42 4.57 6.72 -12.13
C ILE A 42 3.41 6.16 -11.28
N ASP A 43 3.40 4.84 -11.17
CA ASP A 43 2.32 4.13 -10.50
C ASP A 43 2.41 4.44 -9.01
N HIS A 44 3.63 4.45 -8.49
CA HIS A 44 3.87 4.80 -7.11
C HIS A 44 3.30 6.16 -6.75
N ALA A 45 3.55 7.15 -7.60
CA ALA A 45 2.97 8.44 -7.36
C ALA A 45 1.44 8.37 -7.25
N HIS A 46 0.78 7.64 -8.16
CA HIS A 46 -0.66 7.55 -8.10
C HIS A 46 -1.06 6.81 -6.83
N CYS A 47 -0.26 5.81 -6.43
CA CYS A 47 -0.58 5.06 -5.22
C CYS A 47 -0.55 5.97 -4.00
N GLU A 48 0.49 6.82 -3.85
CA GLU A 48 0.53 7.74 -2.71
C GLU A 48 -0.75 8.56 -2.61
N ARG A 49 -1.11 9.11 -3.76
CA ARG A 49 -2.28 9.98 -3.83
C ARG A 49 -3.57 9.20 -3.51
N LYS A 50 -3.68 7.96 -4.03
CA LYS A 50 -4.79 7.04 -3.71
C LYS A 50 -4.85 6.69 -2.23
N ALA A 51 -3.67 6.56 -1.59
CA ALA A 51 -3.54 6.30 -0.16
C ALA A 51 -4.08 7.50 0.67
N ALA A 52 -3.81 8.74 0.24
CA ALA A 52 -4.37 9.91 0.89
C ALA A 52 -5.91 9.95 0.67
N GLY A 53 -6.36 9.72 -0.56
CA GLY A 53 -7.78 9.65 -0.85
C GLY A 53 -8.55 8.62 -0.02
N ALA A 54 -7.98 7.44 0.19
CA ALA A 54 -8.57 6.45 1.09
C ALA A 54 -8.69 6.95 2.53
N ALA A 55 -7.63 7.54 3.09
CA ALA A 55 -7.69 8.16 4.43
C ALA A 55 -8.83 9.17 4.50
N LEU A 56 -8.94 10.01 3.47
CA LEU A 56 -9.97 11.04 3.53
C LEU A 56 -11.34 10.40 3.43
N GLN A 57 -11.50 9.48 2.47
CA GLN A 57 -12.78 8.83 2.28
C GLN A 57 -13.23 8.15 3.57
N LEU A 58 -12.31 7.53 4.32
CA LEU A 58 -12.74 6.91 5.54
C LEU A 58 -13.23 7.99 6.50
N MET A 59 -12.52 9.13 6.58
CA MET A 59 -13.06 10.20 7.46
C MET A 59 -14.50 10.61 7.03
N PHE A 60 -14.75 10.81 5.73
CA PHE A 60 -16.07 11.16 5.25
C PHE A 60 -17.11 10.10 5.60
N ARG A 61 -16.67 8.83 5.74
CA ARG A 61 -17.60 7.75 6.07
C ARG A 61 -17.92 7.73 7.55
N TYR A 62 -16.97 8.16 8.41
CA TYR A 62 -17.13 8.18 9.84
C TYR A 62 -16.83 9.59 10.30
N PRO A 63 -17.61 10.64 9.88
CA PRO A 63 -17.18 12.01 10.07
C PRO A 63 -17.18 12.53 11.51
N SER A 64 -17.89 11.86 12.45
CA SER A 64 -17.92 12.36 13.81
C SER A 64 -16.90 11.62 14.66
N SER A 65 -16.08 10.73 14.08
CA SER A 65 -15.03 10.09 14.90
C SER A 65 -13.80 10.99 15.07
N GLU A 66 -13.59 11.51 16.28
CA GLU A 66 -12.41 12.34 16.53
C GLU A 66 -11.13 11.52 16.57
N THR A 67 -11.20 10.30 17.11
CA THR A 67 -10.02 9.46 17.08
C THR A 67 -9.61 9.14 15.63
N LEU A 68 -10.55 8.83 14.74
CA LEU A 68 -10.20 8.56 13.36
C LEU A 68 -9.62 9.79 12.67
N ALA A 69 -10.20 10.98 12.95
CA ALA A 69 -9.75 12.21 12.30
C ALA A 69 -8.31 12.55 12.72
N GLU A 70 -8.01 12.45 14.05
CA GLU A 70 -6.68 12.70 14.60
C GLU A 70 -5.61 11.82 13.97
N ALA A 71 -5.99 10.60 13.56
CA ALA A 71 -5.07 9.67 12.92
C ALA A 71 -5.05 9.84 11.40
N LEU A 72 -6.18 10.08 10.72
CA LEU A 72 -6.17 10.00 9.28
C LEU A 72 -5.93 11.35 8.59
N SER A 73 -6.19 12.44 9.28
CA SER A 73 -5.79 13.75 8.70
C SER A 73 -4.27 13.82 8.55
N PRO A 74 -3.45 13.60 9.58
CA PRO A 74 -2.00 13.62 9.40
C PRO A 74 -1.52 12.59 8.40
N LEU A 75 -2.18 11.41 8.37
CA LEU A 75 -1.76 10.42 7.39
C LEU A 75 -1.99 10.92 5.95
N ALA A 76 -3.16 11.48 5.69
CA ALA A 76 -3.44 12.02 4.37
C ALA A 76 -2.41 13.10 4.04
N GLN A 77 -2.09 13.95 4.99
CA GLN A 77 -1.15 15.02 4.71
C GLN A 77 0.21 14.46 4.35
N GLU A 78 0.61 13.37 5.03
CA GLU A 78 1.89 12.76 4.77
C GLU A 78 1.91 12.02 3.44
N GLU A 79 0.77 11.38 3.09
CA GLU A 79 0.73 10.69 1.82
C GLU A 79 0.85 11.70 0.66
N LEU A 80 0.22 12.88 0.78
CA LEU A 80 0.38 13.91 -0.24
C LEU A 80 1.81 14.47 -0.27
N GLU A 81 2.44 14.64 0.89
CA GLU A 81 3.86 15.03 0.84
C GLU A 81 4.68 13.95 0.10
N HIS A 82 4.40 12.65 0.29
CA HIS A 82 5.10 11.62 -0.47
C HIS A 82 4.80 11.68 -1.96
N PHE A 83 3.51 11.93 -2.30
CA PHE A 83 3.16 12.12 -3.68
C PHE A 83 3.99 13.29 -4.26
N ASP A 84 4.07 14.38 -3.53
CA ASP A 84 4.78 15.55 -4.08
C ASP A 84 6.25 15.19 -4.33
N GLN A 85 6.84 14.40 -3.41
CA GLN A 85 8.24 13.96 -3.51
C GLN A 85 8.47 13.01 -4.68
N VAL A 86 7.52 12.07 -4.93
CA VAL A 86 7.64 11.23 -6.12
C VAL A 86 7.49 12.06 -7.41
N LEU A 87 6.50 12.96 -7.45
CA LEU A 87 6.31 13.80 -8.61
C LEU A 87 7.58 14.63 -8.85
N ALA A 88 8.19 15.19 -7.80
CA ALA A 88 9.47 15.94 -7.96
C ALA A 88 10.51 15.06 -8.65
N LEU A 89 10.57 13.75 -8.31
CA LEU A 89 11.53 12.87 -8.95
C LEU A 89 11.21 12.61 -10.39
N LEU A 90 9.92 12.38 -10.69
CA LEU A 90 9.52 12.20 -12.07
C LEU A 90 9.94 13.46 -12.85
N GLN A 91 9.61 14.62 -12.27
CA GLN A 91 9.84 15.88 -12.99
C GLN A 91 11.35 16.14 -13.19
N ARG A 92 12.20 15.79 -12.20
CA ARG A 92 13.67 15.96 -12.24
C ARG A 92 14.25 15.04 -13.29
N ARG A 93 13.55 13.96 -13.64
CA ARG A 93 13.95 13.02 -14.67
C ARG A 93 13.21 13.23 -15.99
N GLY A 94 12.35 14.23 -16.08
CA GLY A 94 11.69 14.40 -17.37
C GLY A 94 10.66 13.32 -17.69
N ILE A 95 10.07 12.60 -16.68
CA ILE A 95 9.05 11.54 -16.89
C ILE A 95 7.65 12.14 -16.63
N ALA A 96 6.74 12.04 -17.59
CA ALA A 96 5.38 12.60 -17.44
C ALA A 96 4.58 11.75 -16.46
N LEU A 97 3.73 12.43 -15.66
CA LEU A 97 2.80 11.74 -14.77
C LEU A 97 1.71 11.13 -15.64
N ARG A 98 2.01 9.98 -16.23
CA ARG A 98 1.09 9.44 -17.21
C ARG A 98 -0.13 8.78 -16.54
N PRO A 99 -1.31 8.68 -17.23
CA PRO A 99 -2.48 8.00 -16.69
C PRO A 99 -2.33 6.47 -16.83
N LEU A 100 -1.26 5.94 -16.22
CA LEU A 100 -0.87 4.54 -16.43
C LEU A 100 -1.93 3.65 -15.83
N PRO A 101 -2.52 2.61 -16.49
CA PRO A 101 -3.60 1.89 -15.78
C PRO A 101 -3.17 1.16 -14.52
N ALA A 102 -4.02 1.20 -13.48
CA ALA A 102 -3.81 0.51 -12.21
C ALA A 102 -3.98 -0.99 -12.44
N PRO A 103 -3.27 -1.88 -11.69
CA PRO A 103 -3.50 -3.31 -11.78
C PRO A 103 -4.86 -3.59 -11.11
N ALA A 104 -5.38 -4.82 -11.28
CA ALA A 104 -6.69 -5.18 -10.72
C ALA A 104 -6.68 -5.33 -9.20
N TYR A 105 -5.48 -5.38 -8.58
CA TYR A 105 -5.31 -5.57 -7.15
C TYR A 105 -6.29 -4.78 -6.26
N GLY A 106 -6.27 -3.42 -6.33
CA GLY A 106 -7.07 -2.61 -5.41
C GLY A 106 -8.58 -2.87 -5.54
N SER A 107 -9.08 -2.99 -6.77
CA SER A 107 -10.51 -3.25 -7.07
C SER A 107 -10.95 -4.62 -6.57
N ARG A 108 -10.05 -5.58 -6.72
CA ARG A 108 -10.24 -6.95 -6.24
C ARG A 108 -10.37 -7.00 -4.71
N LEU A 109 -9.40 -6.44 -3.95
CA LEU A 109 -9.55 -6.27 -2.53
C LEU A 109 -10.77 -5.48 -2.10
N ALA A 110 -11.03 -4.30 -2.69
CA ALA A 110 -12.15 -3.48 -2.25
C ALA A 110 -13.47 -4.27 -2.45
N GLY A 111 -13.56 -5.17 -3.44
CA GLY A 111 -14.74 -6.01 -3.70
C GLY A 111 -14.99 -6.96 -2.55
N GLU A 112 -14.04 -7.13 -1.63
CA GLU A 112 -14.28 -8.00 -0.48
C GLU A 112 -14.92 -7.25 0.68
N ILE A 113 -14.96 -5.92 0.61
CA ILE A 113 -15.40 -5.12 1.75
C ILE A 113 -16.95 -5.29 1.82
N ARG A 114 -17.42 -5.72 2.95
CA ARG A 114 -18.85 -5.90 3.16
C ARG A 114 -19.61 -4.57 3.10
N ARG A 115 -20.89 -4.66 2.76
CA ARG A 115 -21.64 -3.48 2.38
C ARG A 115 -22.24 -2.80 3.61
N GLN A 116 -22.50 -3.57 4.67
CA GLN A 116 -23.12 -2.98 5.82
C GLN A 116 -22.11 -2.59 6.86
N GLU A 117 -22.44 -1.49 7.54
CA GLU A 117 -21.85 -1.22 8.84
C GLU A 117 -22.33 -2.15 9.92
N PRO A 118 -21.53 -2.39 10.99
CA PRO A 118 -20.15 -1.84 11.16
C PRO A 118 -18.99 -2.68 10.58
N LEU A 119 -19.35 -3.81 9.92
CA LEU A 119 -18.31 -4.70 9.42
C LEU A 119 -17.62 -4.09 8.21
N ARG A 120 -18.37 -3.24 7.50
CA ARG A 120 -17.75 -2.50 6.45
C ARG A 120 -16.52 -1.68 6.95
N GLN A 121 -16.61 -1.06 8.12
CA GLN A 121 -15.50 -0.29 8.66
C GLN A 121 -14.28 -1.17 8.96
N LEU A 122 -14.48 -2.27 9.68
CA LEU A 122 -13.46 -3.27 9.94
C LEU A 122 -12.75 -3.68 8.65
N ASP A 123 -13.50 -4.12 7.64
CA ASP A 123 -13.00 -4.54 6.37
C ASP A 123 -12.22 -3.46 5.64
N SER A 124 -12.70 -2.22 5.71
CA SER A 124 -12.06 -1.08 5.04
C SER A 124 -10.69 -0.78 5.66
N PHE A 125 -10.60 -0.79 7.00
CA PHE A 125 -9.33 -0.58 7.71
C PHE A 125 -8.40 -1.72 7.38
N LEU A 126 -8.94 -2.95 7.30
CA LEU A 126 -8.02 -4.06 7.00
C LEU A 126 -7.49 -4.04 5.55
N VAL A 127 -8.33 -3.76 4.58
CA VAL A 127 -7.91 -3.58 3.21
C VAL A 127 -6.85 -2.45 3.14
N ALA A 128 -7.14 -1.30 3.73
CA ALA A 128 -6.21 -0.15 3.65
C ALA A 128 -4.82 -0.53 4.18
N GLY A 129 -4.83 -1.27 5.28
CA GLY A 129 -3.67 -1.79 5.96
C GLY A 129 -2.89 -2.80 5.11
N LEU A 130 -3.60 -3.71 4.47
CA LEU A 130 -3.00 -4.66 3.55
C LEU A 130 -2.26 -3.95 2.42
N ILE A 131 -2.96 -3.01 1.76
CA ILE A 131 -2.38 -2.26 0.66
C ILE A 131 -1.11 -1.55 1.11
N GLU A 132 -1.18 -0.77 2.19
CA GLU A 132 -0.01 -0.09 2.72
C GLU A 132 1.11 -1.10 3.11
N ALA A 133 0.82 -2.25 3.77
CA ALA A 133 1.84 -3.25 4.10
C ALA A 133 2.54 -3.77 2.82
N ARG A 134 1.79 -4.02 1.72
CA ARG A 134 2.39 -4.48 0.49
C ARG A 134 3.23 -3.41 -0.17
N SER A 135 2.75 -2.15 -0.14
CA SER A 135 3.54 -1.05 -0.68
C SER A 135 4.86 -0.94 0.09
N HIS A 136 4.74 -0.96 1.40
CA HIS A 136 5.87 -0.95 2.32
C HIS A 136 6.89 -2.06 1.99
N GLU A 137 6.47 -3.33 1.96
CA GLU A 137 7.34 -4.45 1.64
C GLU A 137 8.04 -4.23 0.29
N ARG A 138 7.33 -3.76 -0.75
CA ARG A 138 7.94 -3.63 -2.07
C ARG A 138 8.87 -2.41 -2.17
N MET A 139 8.50 -1.33 -1.47
CA MET A 139 9.31 -0.15 -1.40
C MET A 139 10.63 -0.45 -0.69
N ALA A 140 10.58 -1.32 0.35
CA ALA A 140 11.76 -1.72 1.11
C ALA A 140 12.67 -2.60 0.22
N LEU A 141 12.08 -3.45 -0.63
CA LEU A 141 12.91 -4.18 -1.57
C LEU A 141 13.68 -3.25 -2.52
N LEU A 142 12.93 -2.28 -3.06
CA LEU A 142 13.53 -1.33 -3.97
C LEU A 142 14.59 -0.45 -3.29
N ALA A 143 14.33 -0.06 -2.03
CA ALA A 143 15.28 0.73 -1.27
C ALA A 143 16.62 -0.02 -1.09
N GLU A 144 16.60 -1.36 -0.90
CA GLU A 144 17.77 -2.20 -0.66
C GLU A 144 18.42 -2.64 -1.98
N HIS A 145 17.62 -2.92 -3.03
CA HIS A 145 18.08 -3.68 -4.16
C HIS A 145 18.24 -2.87 -5.46
N SER A 146 17.62 -1.69 -5.56
CA SER A 146 17.59 -1.03 -6.86
C SER A 146 19.06 -0.65 -7.19
N PRO A 147 19.49 -0.80 -8.45
CA PRO A 147 20.77 -0.26 -8.93
C PRO A 147 20.78 1.27 -9.12
N ASP A 148 19.66 1.94 -8.91
CA ASP A 148 19.58 3.37 -9.17
C ASP A 148 19.66 4.06 -7.82
N PRO A 149 20.77 4.80 -7.51
CA PRO A 149 20.90 5.45 -6.20
C PRO A 149 19.78 6.42 -5.83
N GLU A 150 19.26 7.14 -6.84
CA GLU A 150 18.25 8.16 -6.54
C GLU A 150 16.93 7.49 -6.13
N LEU A 151 16.64 6.34 -6.72
CA LEU A 151 15.49 5.53 -6.33
C LEU A 151 15.69 4.95 -4.94
N ARG A 152 16.87 4.33 -4.67
CA ARG A 152 17.18 3.91 -3.32
C ARG A 152 17.02 5.05 -2.30
N ALA A 153 17.39 6.30 -2.66
CA ALA A 153 17.28 7.37 -1.68
C ALA A 153 15.80 7.83 -1.49
N LEU A 154 15.05 7.92 -2.57
CA LEU A 154 13.62 8.22 -2.49
C LEU A 154 12.96 7.17 -1.61
N TYR A 155 13.11 5.87 -1.98
CA TYR A 155 12.36 4.78 -1.31
C TYR A 155 12.80 4.68 0.17
N GLY A 156 14.11 4.80 0.45
CA GLY A 156 14.60 4.92 1.83
C GLY A 156 14.03 6.12 2.62
N ASP A 157 13.94 7.28 1.99
CA ASP A 157 13.47 8.43 2.72
C ASP A 157 11.96 8.28 3.04
N LEU A 158 11.20 7.71 2.07
CA LEU A 158 9.74 7.58 2.21
C LEU A 158 9.44 6.59 3.35
N LEU A 159 10.22 5.51 3.44
CA LEU A 159 10.06 4.51 4.50
C LEU A 159 10.62 5.01 5.84
N ALA A 160 11.62 5.90 5.84
CA ALA A 160 12.12 6.47 7.08
C ALA A 160 10.96 7.09 7.86
N SER A 161 10.23 8.05 7.26
CA SER A 161 9.14 8.76 7.93
C SER A 161 7.99 7.79 8.30
N GLU A 162 8.28 6.94 9.32
CA GLU A 162 7.52 5.75 9.71
C GLU A 162 7.73 5.44 11.20
N ALA A 163 8.35 4.28 11.49
CA ALA A 163 8.37 3.62 12.80
C ALA A 163 7.05 2.88 13.07
N ARG A 164 6.46 2.24 12.03
CA ARG A 164 5.25 1.41 12.14
C ARG A 164 5.60 0.00 12.66
N HIS A 165 5.09 -0.32 13.86
CA HIS A 165 5.10 -1.66 14.43
C HIS A 165 3.80 -2.40 14.05
N PHE A 166 2.70 -1.91 14.61
CA PHE A 166 1.42 -2.59 14.39
C PHE A 166 0.81 -2.15 13.05
N GLY A 167 0.98 -0.86 12.69
CA GLY A 167 0.30 -0.27 11.54
C GLY A 167 -0.83 0.56 12.13
N LEU A 168 -0.93 1.77 11.64
CA LEU A 168 -1.99 2.68 12.01
C LEU A 168 -3.35 2.03 11.88
N TYR A 169 -3.55 1.30 10.79
CA TYR A 169 -4.84 0.67 10.53
C TYR A 169 -5.14 -0.45 11.49
N TRP A 170 -4.09 -1.14 11.97
CA TRP A 170 -4.34 -2.12 13.03
C TRP A 170 -4.84 -1.44 14.31
N LEU A 171 -4.16 -0.39 14.75
CA LEU A 171 -4.58 0.32 15.95
C LEU A 171 -6.00 0.86 15.84
N LEU A 172 -6.40 1.32 14.64
CA LEU A 172 -7.77 1.78 14.42
C LEU A 172 -8.75 0.64 14.61
N CYS A 173 -8.38 -0.52 14.08
CA CYS A 173 -9.20 -1.71 14.33
C CYS A 173 -9.35 -2.00 15.83
N GLU A 174 -8.26 -1.92 16.59
CA GLU A 174 -8.32 -2.26 18.01
C GLU A 174 -9.20 -1.29 18.77
N GLN A 175 -9.39 -0.07 18.24
CA GLN A 175 -10.22 0.90 18.94
C GLN A 175 -11.65 0.41 19.06
N HIS A 176 -12.12 -0.37 18.08
CA HIS A 176 -13.54 -0.60 17.92
C HIS A 176 -13.85 -2.10 17.94
N TRP A 177 -12.83 -3.01 17.96
CA TRP A 177 -12.99 -4.44 17.74
C TRP A 177 -12.02 -5.22 18.62
N PRO A 178 -12.45 -6.37 19.18
CA PRO A 178 -11.54 -7.32 19.80
C PRO A 178 -10.66 -8.02 18.74
N ARG A 179 -9.51 -8.51 19.18
CA ARG A 179 -8.59 -9.23 18.31
C ARG A 179 -9.17 -10.53 17.80
N GLU A 180 -9.99 -11.13 18.65
CA GLU A 180 -10.79 -12.31 18.38
C GLU A 180 -11.53 -12.13 17.07
N VAL A 181 -11.94 -10.87 16.80
CA VAL A 181 -12.63 -10.60 15.55
C VAL A 181 -11.66 -10.17 14.44
N ILE A 182 -10.76 -9.26 14.76
CA ILE A 182 -9.83 -8.72 13.79
C ILE A 182 -9.02 -9.84 13.13
N ILE A 183 -8.43 -10.69 13.96
CA ILE A 183 -7.47 -11.68 13.53
C ILE A 183 -8.05 -12.54 12.42
N PRO A 184 -9.23 -13.21 12.60
CA PRO A 184 -9.70 -14.12 11.54
C PRO A 184 -10.13 -13.40 10.28
N ARG A 185 -10.46 -12.11 10.40
CA ARG A 185 -10.90 -11.38 9.20
C ARG A 185 -9.64 -10.98 8.41
N LEU A 186 -8.58 -10.53 9.12
CA LEU A 186 -7.34 -10.25 8.42
C LEU A 186 -6.80 -11.48 7.73
N GLU A 187 -6.88 -12.67 8.37
CA GLU A 187 -6.46 -13.90 7.67
C GLU A 187 -7.19 -14.15 6.37
N GLN A 188 -8.54 -13.97 6.40
CA GLN A 188 -9.31 -14.10 5.19
C GLN A 188 -8.89 -13.07 4.14
N LEU A 189 -8.76 -11.81 4.55
CA LEU A 189 -8.44 -10.77 3.54
C LEU A 189 -6.98 -10.89 3.05
N ALA A 190 -6.07 -11.29 3.93
CA ALA A 190 -4.69 -11.51 3.51
C ALA A 190 -4.59 -12.62 2.46
N ALA A 191 -5.47 -13.61 2.59
CA ALA A 191 -5.56 -14.70 1.60
C ALA A 191 -6.03 -14.17 0.25
N VAL A 192 -6.98 -13.23 0.21
CA VAL A 192 -7.42 -12.71 -1.08
C VAL A 192 -6.32 -11.81 -1.70
N GLU A 193 -5.60 -11.06 -0.88
CA GLU A 193 -4.50 -10.21 -1.30
C GLU A 193 -3.39 -10.99 -2.00
N VAL A 194 -3.05 -12.18 -1.47
CA VAL A 194 -2.04 -12.98 -2.15
C VAL A 194 -2.62 -13.61 -3.40
N GLU A 195 -3.89 -14.05 -3.41
CA GLU A 195 -4.48 -14.53 -4.64
C GLU A 195 -4.51 -13.39 -5.67
N ALA A 196 -4.75 -12.13 -5.25
CA ALA A 196 -4.77 -11.04 -6.22
C ALA A 196 -3.39 -10.82 -6.88
N LEU A 197 -2.32 -11.30 -6.19
CA LEU A 197 -0.95 -11.08 -6.69
C LEU A 197 -0.39 -12.34 -7.36
N SER A 198 -1.29 -13.35 -7.54
CA SER A 198 -0.88 -14.60 -8.17
C SER A 198 -1.14 -14.46 -9.68
N GLY A 199 -0.27 -15.06 -10.45
CA GLY A 199 -0.37 -14.84 -11.87
C GLY A 199 1.00 -14.44 -12.39
N GLU A 200 1.03 -14.19 -13.68
CA GLU A 200 2.25 -13.84 -14.36
C GLU A 200 1.97 -12.53 -15.08
N LEU A 201 3.02 -11.77 -15.27
CA LEU A 201 2.87 -10.46 -15.87
C LEU A 201 2.88 -10.66 -17.37
N ALA A 202 1.98 -10.02 -18.12
CA ALA A 202 1.79 -10.40 -19.49
C ALA A 202 2.76 -9.63 -20.38
N ARG A 203 3.15 -8.41 -19.98
CA ARG A 203 4.13 -7.62 -20.70
C ARG A 203 4.94 -6.85 -19.67
N PRO A 204 6.20 -6.48 -19.98
CA PRO A 204 7.06 -5.79 -19.00
C PRO A 204 6.51 -4.46 -18.52
N GLU A 205 5.89 -3.71 -19.45
CA GLU A 205 5.37 -2.38 -19.16
C GLU A 205 4.16 -2.44 -18.22
N ASP A 206 3.65 -3.64 -17.88
CA ASP A 206 2.50 -3.77 -17.00
C ASP A 206 2.95 -3.78 -15.55
N VAL A 207 4.28 -3.70 -15.28
CA VAL A 207 4.77 -3.77 -13.90
C VAL A 207 4.26 -2.56 -13.13
N ARG A 208 3.89 -2.82 -11.86
CA ARG A 208 3.34 -1.77 -10.99
C ARG A 208 3.77 -2.00 -9.56
N MET A 209 3.45 -1.08 -8.62
CA MET A 209 3.72 -1.35 -7.21
C MET A 209 2.93 -2.55 -6.72
N HIS A 210 1.75 -2.80 -7.34
CA HIS A 210 0.90 -3.91 -6.91
C HIS A 210 0.61 -4.86 -8.09
N SER A 211 1.54 -5.00 -9.05
CA SER A 211 1.42 -6.09 -10.02
C SER A 211 1.79 -7.44 -9.40
N VAL A 212 1.46 -8.51 -10.14
CA VAL A 212 1.62 -9.88 -9.68
C VAL A 212 3.09 -10.16 -9.34
N GLY A 213 3.24 -10.97 -8.28
CA GLY A 213 4.48 -11.64 -8.02
C GLY A 213 4.66 -11.84 -6.54
N VAL A 214 4.21 -13.03 -6.09
CA VAL A 214 4.39 -13.46 -4.72
C VAL A 214 4.93 -14.88 -4.71
N GLN A 215 5.55 -15.31 -3.58
CA GLN A 215 6.09 -16.67 -3.37
C GLN A 215 5.12 -17.50 -2.56
N LEU A 216 4.64 -18.62 -3.11
CA LEU A 216 3.52 -19.37 -2.54
C LEU A 216 3.96 -20.69 -1.88
#